data_2P0G
#
_entry.id   2P0G
#
_cell.length_a   81.602
_cell.length_b   81.602
_cell.length_c   105.848
_cell.angle_alpha   90.000
_cell.angle_beta   90.000
_cell.angle_gamma   120.000
#
_symmetry.space_group_name_H-M   'P 31 2 1'
#
loop_
_entity.id
_entity.type
_entity.pdbx_description
1 polymer 'Selenoprotein W-related protein'
2 water water
#
_entity_poly.entity_id   1
_entity_poly.type   'polypeptide(L)'
_entity_poly.pdbx_seq_one_letter_code
;(MSE)NKAQIEIYYCRQCNW(MSE)LRSAWLSQELLHTFSEEIEYVALHPDTGGRFEIFCNGVQIWERKQEGGFPEAKVL
KQRVRDLIDPERDLGHVDRPSSTQSLEHHHHHH
;
_entity_poly.pdbx_strand_id   A,B,C,D
#
# COMPACT_ATOMS: atom_id res chain seq x y z
N LYS A 3 -0.74 -25.28 -2.20
CA LYS A 3 -0.28 -23.88 -2.30
C LYS A 3 0.15 -23.32 -0.95
N ALA A 4 1.11 -22.41 -0.98
CA ALA A 4 1.67 -21.84 0.24
C ALA A 4 0.70 -21.02 1.10
N GLN A 5 0.84 -21.18 2.41
CA GLN A 5 0.03 -20.44 3.38
C GLN A 5 1.01 -19.61 4.19
N ILE A 6 0.91 -18.29 4.04
CA ILE A 6 1.81 -17.39 4.73
C ILE A 6 1.10 -16.53 5.77
N GLU A 7 1.68 -16.48 6.97
CA GLU A 7 1.12 -15.73 8.09
C GLU A 7 2.12 -14.66 8.54
N ILE A 8 1.66 -13.43 8.69
CA ILE A 8 2.51 -12.34 9.14
C ILE A 8 1.96 -11.71 10.42
N TYR A 9 2.67 -11.89 11.54
CA TYR A 9 2.24 -11.34 12.81
C TYR A 9 3.04 -10.07 13.11
N TYR A 10 2.34 -8.97 13.34
CA TYR A 10 3.00 -7.70 13.62
C TYR A 10 2.39 -6.99 14.83
N CYS A 11 3.24 -6.33 15.61
CA CYS A 11 2.76 -5.60 16.78
C CYS A 11 1.78 -4.53 16.35
N ARG A 12 0.54 -4.69 16.79
CA ARG A 12 -0.58 -3.78 16.49
C ARG A 12 -0.35 -2.29 16.73
N GLN A 13 0.34 -1.94 17.81
CA GLN A 13 0.56 -0.54 18.15
C GLN A 13 1.95 0.01 17.83
N CYS A 14 2.81 -0.80 17.22
CA CYS A 14 4.15 -0.35 16.87
C CYS A 14 4.18 0.29 15.50
N ASN A 15 3.01 0.47 14.90
CA ASN A 15 2.92 1.07 13.57
C ASN A 15 3.73 0.22 12.59
N TRP A 16 3.45 -1.07 12.57
CA TRP A 16 4.17 -1.98 11.68
C TRP A 16 3.27 -2.59 10.61
N LEU A 18 1.96 -1.07 8.04
CA LEU A 18 2.44 -0.57 6.76
C LEU A 18 3.46 -1.50 6.12
N ARG A 19 4.57 -1.76 6.84
CA ARG A 19 5.61 -2.63 6.31
C ARG A 19 5.14 -4.07 6.14
N SER A 20 4.15 -4.47 6.94
CA SER A 20 3.62 -5.82 6.85
C SER A 20 2.80 -5.97 5.57
N ALA A 21 1.97 -4.97 5.29
CA ALA A 21 1.13 -4.97 4.10
C ALA A 21 2.01 -4.94 2.86
N TRP A 22 3.12 -4.22 2.95
CA TRP A 22 4.05 -4.12 1.83
C TRP A 22 4.65 -5.49 1.54
N LEU A 23 5.26 -6.09 2.56
CA LEU A 23 5.86 -7.41 2.41
C LEU A 23 4.83 -8.41 1.90
N SER A 24 3.59 -8.25 2.35
CA SER A 24 2.50 -9.14 1.92
C SER A 24 2.31 -9.06 0.42
N GLN A 25 2.26 -7.83 -0.10
CA GLN A 25 2.09 -7.61 -1.53
C GLN A 25 3.31 -8.05 -2.33
N GLU A 26 4.50 -7.94 -1.74
CA GLU A 26 5.71 -8.37 -2.44
C GLU A 26 5.61 -9.86 -2.72
N LEU A 27 5.12 -10.61 -1.73
CA LEU A 27 4.96 -12.05 -1.87
C LEU A 27 3.82 -12.43 -2.80
N LEU A 28 2.69 -11.75 -2.66
CA LEU A 28 1.53 -12.01 -3.52
C LEU A 28 1.83 -11.70 -4.97
N HIS A 29 2.70 -10.72 -5.20
CA HIS A 29 3.07 -10.30 -6.53
C HIS A 29 4.05 -11.28 -7.18
N THR A 30 5.04 -11.72 -6.40
CA THR A 30 6.06 -12.64 -6.90
C THR A 30 5.59 -14.09 -7.03
N PHE A 31 4.75 -14.53 -6.10
CA PHE A 31 4.25 -15.91 -6.10
C PHE A 31 2.74 -15.95 -6.26
N SER A 32 2.21 -15.11 -7.13
CA SER A 32 0.78 -15.02 -7.37
C SER A 32 0.10 -16.35 -7.71
N GLU A 33 0.89 -17.31 -8.18
CA GLU A 33 0.34 -18.61 -8.55
C GLU A 33 0.67 -19.77 -7.62
N GLU A 34 1.62 -19.56 -6.70
CA GLU A 34 1.99 -20.63 -5.78
C GLU A 34 1.49 -20.36 -4.37
N ILE A 35 0.78 -19.24 -4.19
CA ILE A 35 0.27 -18.88 -2.87
C ILE A 35 -1.23 -19.07 -2.71
N GLU A 36 -1.62 -19.70 -1.60
CA GLU A 36 -3.03 -19.92 -1.30
C GLU A 36 -3.53 -18.61 -0.72
N TYR A 37 -2.74 -18.05 0.20
CA TYR A 37 -3.08 -16.80 0.84
C TYR A 37 -1.95 -16.27 1.71
N VAL A 38 -1.99 -14.96 1.95
CA VAL A 38 -1.04 -14.29 2.81
C VAL A 38 -1.95 -13.64 3.84
N ALA A 39 -1.77 -13.96 5.11
CA ALA A 39 -2.62 -13.40 6.14
C ALA A 39 -1.87 -12.48 7.08
N LEU A 40 -2.47 -11.35 7.39
CA LEU A 40 -1.88 -10.37 8.29
C LEU A 40 -2.56 -10.46 9.65
N HIS A 41 -1.77 -10.71 10.69
CA HIS A 41 -2.29 -10.83 12.04
C HIS A 41 -1.90 -9.69 12.96
N PRO A 42 -2.83 -8.77 13.26
CA PRO A 42 -2.42 -7.70 14.17
C PRO A 42 -2.10 -8.36 15.51
N ASP A 43 -0.92 -8.07 16.06
CA ASP A 43 -0.52 -8.70 17.32
C ASP A 43 -0.13 -7.75 18.45
N THR A 44 0.48 -8.32 19.50
CA THR A 44 0.90 -7.54 20.66
C THR A 44 2.35 -7.05 20.62
N GLY A 45 2.67 -6.21 21.57
CA GLY A 45 4.00 -5.60 21.69
C GLY A 45 5.24 -6.26 21.14
N GLY A 46 6.00 -5.48 20.38
CA GLY A 46 7.26 -5.92 19.80
C GLY A 46 7.28 -7.15 18.91
N ARG A 47 6.13 -7.78 18.67
CA ARG A 47 6.11 -8.96 17.83
C ARG A 47 6.05 -8.69 16.34
N PHE A 48 6.89 -9.41 15.60
CA PHE A 48 6.95 -9.36 14.15
C PHE A 48 7.54 -10.70 13.75
N GLU A 49 6.67 -11.61 13.32
CA GLU A 49 7.10 -12.95 12.95
C GLU A 49 6.34 -13.42 11.72
N ILE A 50 7.05 -14.09 10.82
CA ILE A 50 6.43 -14.58 9.59
C ILE A 50 6.55 -16.10 9.46
N PHE A 51 5.47 -16.72 9.02
CA PHE A 51 5.41 -18.17 8.85
C PHE A 51 5.01 -18.54 7.43
N CYS A 52 5.56 -19.65 6.94
CA CYS A 52 5.25 -20.15 5.61
C CYS A 52 5.01 -21.65 5.75
N ASN A 53 3.78 -22.07 5.45
CA ASN A 53 3.40 -23.47 5.56
C ASN A 53 3.78 -24.02 6.94
N GLY A 54 3.56 -23.22 7.97
CA GLY A 54 3.85 -23.65 9.33
C GLY A 54 5.30 -23.46 9.77
N VAL A 55 6.18 -23.15 8.82
CA VAL A 55 7.59 -22.94 9.15
C VAL A 55 7.92 -21.47 9.36
N GLN A 56 8.51 -21.15 10.51
CA GLN A 56 8.89 -19.78 10.81
C GLN A 56 10.06 -19.39 9.91
N ILE A 57 9.86 -18.37 9.08
CA ILE A 57 10.93 -17.91 8.19
C ILE A 57 11.45 -16.55 8.61
N TRP A 58 10.94 -16.03 9.72
CA TRP A 58 11.40 -14.74 10.22
C TRP A 58 10.89 -14.41 11.61
N GLU A 59 11.80 -13.89 12.43
CA GLU A 59 11.53 -13.50 13.80
C GLU A 59 12.39 -12.27 14.09
N ARG A 60 11.73 -11.16 14.36
CA ARG A 60 12.41 -9.89 14.61
C ARG A 60 13.61 -9.95 15.54
N LYS A 61 13.41 -10.42 16.76
CA LYS A 61 14.51 -10.49 17.72
C LYS A 61 15.63 -11.37 17.21
N GLN A 62 15.26 -12.56 16.76
CA GLN A 62 16.20 -13.54 16.24
C GLN A 62 17.06 -12.92 15.15
N GLU A 63 16.41 -12.27 14.19
CA GLU A 63 17.10 -11.63 13.06
C GLU A 63 17.64 -10.26 13.41
N GLY A 64 17.14 -9.68 14.50
CA GLY A 64 17.59 -8.37 14.91
C GLY A 64 17.13 -7.29 13.95
N GLY A 65 15.89 -7.40 13.46
CA GLY A 65 15.38 -6.41 12.53
C GLY A 65 14.29 -6.91 11.61
N PHE A 66 14.11 -6.23 10.48
CA PHE A 66 13.10 -6.59 9.51
C PHE A 66 13.74 -7.05 8.20
N PRO A 67 13.09 -8.01 7.52
CA PRO A 67 13.56 -8.59 6.25
C PRO A 67 13.48 -7.73 5.02
N GLU A 68 14.44 -7.96 4.13
CA GLU A 68 14.51 -7.26 2.87
C GLU A 68 13.57 -8.05 1.99
N ALA A 69 13.00 -7.40 1.00
CA ALA A 69 12.09 -8.08 0.11
C ALA A 69 12.76 -9.31 -0.51
N LYS A 70 14.00 -9.15 -0.95
CA LYS A 70 14.74 -10.23 -1.58
C LYS A 70 14.92 -11.46 -0.67
N VAL A 71 15.35 -11.22 0.56
CA VAL A 71 15.57 -12.29 1.52
C VAL A 71 14.29 -13.07 1.81
N LEU A 72 13.20 -12.35 2.06
CA LEU A 72 11.93 -12.98 2.36
C LEU A 72 11.44 -13.82 1.19
N LYS A 73 11.58 -13.30 -0.03
CA LYS A 73 11.15 -14.01 -1.22
C LYS A 73 11.90 -15.31 -1.32
N GLN A 74 13.20 -15.22 -1.05
CA GLN A 74 14.03 -16.38 -1.14
C GLN A 74 13.69 -17.47 -0.12
N ARG A 75 13.48 -17.08 1.14
CA ARG A 75 13.12 -18.04 2.18
C ARG A 75 11.78 -18.71 1.88
N VAL A 76 10.89 -17.98 1.22
CA VAL A 76 9.59 -18.52 0.85
C VAL A 76 9.77 -19.48 -0.32
N ARG A 77 10.60 -19.08 -1.28
CA ARG A 77 10.87 -19.88 -2.46
C ARG A 77 11.44 -21.25 -2.10
N ASP A 78 12.35 -21.28 -1.12
CA ASP A 78 12.98 -22.53 -0.70
C ASP A 78 11.98 -23.50 -0.04
N LEU A 79 10.83 -22.98 0.37
CA LEU A 79 9.83 -23.83 1.03
C LEU A 79 8.69 -24.27 0.10
N ILE A 80 8.65 -23.75 -1.12
CA ILE A 80 7.59 -24.18 -2.01
C ILE A 80 8.13 -24.90 -3.23
N ASN B 2 -15.14 -14.04 18.40
CA ASN B 2 -14.73 -12.79 19.12
C ASN B 2 -13.82 -11.99 18.21
N LYS B 3 -12.83 -12.66 17.62
CA LYS B 3 -11.90 -12.01 16.71
C LYS B 3 -12.29 -12.39 15.29
N ALA B 4 -12.57 -11.39 14.47
CA ALA B 4 -13.00 -11.60 13.10
C ALA B 4 -11.94 -12.19 12.17
N GLN B 5 -12.39 -13.08 11.29
CA GLN B 5 -11.53 -13.71 10.30
C GLN B 5 -12.05 -13.25 8.96
N ILE B 6 -11.24 -12.47 8.25
CA ILE B 6 -11.63 -11.93 6.96
C ILE B 6 -10.81 -12.50 5.80
N GLU B 7 -11.51 -12.93 4.75
CA GLU B 7 -10.87 -13.51 3.57
C GLU B 7 -11.21 -12.67 2.34
N ILE B 8 -10.20 -12.35 1.54
CA ILE B 8 -10.42 -11.57 0.33
C ILE B 8 -9.89 -12.32 -0.88
N TYR B 9 -10.79 -12.73 -1.76
CA TYR B 9 -10.40 -13.46 -2.97
C TYR B 9 -10.44 -12.52 -4.17
N TYR B 10 -9.32 -12.40 -4.87
CA TYR B 10 -9.24 -11.52 -6.03
C TYR B 10 -8.60 -12.22 -7.22
N CYS B 11 -9.12 -11.91 -8.41
CA CYS B 11 -8.58 -12.50 -9.63
C CYS B 11 -7.11 -12.16 -9.77
N ARG B 12 -6.28 -13.20 -9.74
CA ARG B 12 -4.83 -13.10 -9.83
C ARG B 12 -4.24 -12.31 -11.01
N GLN B 13 -4.88 -12.39 -12.17
CA GLN B 13 -4.37 -11.73 -13.37
C GLN B 13 -5.15 -10.48 -13.80
N CYS B 14 -6.16 -10.09 -13.03
CA CYS B 14 -6.95 -8.91 -13.37
C CYS B 14 -6.35 -7.65 -12.78
N ASN B 15 -5.17 -7.78 -12.17
CA ASN B 15 -4.50 -6.65 -11.57
C ASN B 15 -5.40 -6.07 -10.48
N TRP B 16 -5.88 -6.93 -9.58
CA TRP B 16 -6.75 -6.50 -8.50
C TRP B 16 -6.11 -6.64 -7.13
N LEU B 18 -3.69 -4.83 -5.87
CA LEU B 18 -3.54 -3.48 -5.35
C LEU B 18 -4.75 -3.06 -4.51
N ARG B 19 -5.92 -3.08 -5.13
CA ARG B 19 -7.15 -2.69 -4.44
C ARG B 19 -7.50 -3.64 -3.30
N SER B 20 -7.05 -4.88 -3.40
CA SER B 20 -7.33 -5.86 -2.35
C SER B 20 -6.46 -5.57 -1.13
N ALA B 21 -5.19 -5.27 -1.38
CA ALA B 21 -4.25 -4.95 -0.32
C ALA B 21 -4.69 -3.68 0.40
N TRP B 22 -5.24 -2.74 -0.37
CA TRP B 22 -5.72 -1.48 0.18
C TRP B 22 -6.88 -1.75 1.13
N LEU B 23 -7.91 -2.42 0.63
CA LEU B 23 -9.08 -2.75 1.42
C LEU B 23 -8.68 -3.52 2.67
N SER B 24 -7.66 -4.38 2.54
CA SER B 24 -7.17 -5.15 3.67
C SER B 24 -6.64 -4.22 4.75
N GLN B 25 -5.86 -3.24 4.34
CA GLN B 25 -5.28 -2.28 5.29
C GLN B 25 -6.34 -1.38 5.91
N GLU B 26 -7.39 -1.08 5.15
CA GLU B 26 -8.48 -0.24 5.67
C GLU B 26 -9.11 -0.96 6.86
N LEU B 27 -9.34 -2.25 6.69
CA LEU B 27 -9.95 -3.06 7.74
C LEU B 27 -9.02 -3.28 8.93
N LEU B 28 -7.76 -3.60 8.65
CA LEU B 28 -6.78 -3.82 9.71
C LEU B 28 -6.56 -2.55 10.53
N HIS B 29 -6.68 -1.41 9.86
CA HIS B 29 -6.49 -0.11 10.50
C HIS B 29 -7.68 0.27 11.39
N THR B 30 -8.88 0.05 10.86
CA THR B 30 -10.11 0.39 11.57
C THR B 30 -10.48 -0.59 12.69
N PHE B 31 -10.25 -1.88 12.47
CA PHE B 31 -10.59 -2.89 13.47
C PHE B 31 -9.33 -3.63 13.94
N SER B 32 -8.26 -2.87 14.18
CA SER B 32 -6.99 -3.43 14.64
C SER B 32 -7.09 -4.32 15.87
N GLU B 33 -8.13 -4.12 16.66
CA GLU B 33 -8.30 -4.90 17.88
C GLU B 33 -9.39 -5.97 17.85
N GLU B 34 -10.26 -5.93 16.84
CA GLU B 34 -11.33 -6.92 16.73
C GLU B 34 -11.06 -7.94 15.63
N ILE B 35 -9.93 -7.81 14.96
CA ILE B 35 -9.60 -8.71 13.86
C ILE B 35 -8.50 -9.71 14.20
N GLU B 36 -8.75 -10.98 13.90
CA GLU B 36 -7.78 -12.04 14.13
C GLU B 36 -6.79 -11.94 12.99
N TYR B 37 -7.32 -11.81 11.78
CA TYR B 37 -6.50 -11.69 10.58
C TYR B 37 -7.32 -11.37 9.35
N VAL B 38 -6.63 -10.80 8.35
CA VAL B 38 -7.23 -10.49 7.07
C VAL B 38 -6.35 -11.27 6.11
N ALA B 39 -6.95 -12.13 5.29
CA ALA B 39 -6.16 -12.94 4.37
C ALA B 39 -6.48 -12.63 2.93
N LEU B 40 -5.43 -12.50 2.13
CA LEU B 40 -5.58 -12.21 0.71
C LEU B 40 -5.35 -13.50 -0.08
N HIS B 41 -6.34 -13.88 -0.87
CA HIS B 41 -6.26 -15.09 -1.68
C HIS B 41 -6.18 -14.84 -3.18
N PRO B 42 -4.99 -15.01 -3.78
CA PRO B 42 -4.95 -14.77 -5.23
C PRO B 42 -5.85 -15.84 -5.87
N ASP B 43 -6.76 -15.41 -6.74
CA ASP B 43 -7.69 -16.36 -7.35
C ASP B 43 -7.74 -16.34 -8.88
N THR B 44 -8.77 -17.00 -9.42
CA THR B 44 -8.94 -17.10 -10.86
C THR B 44 -9.83 -16.02 -11.47
N GLY B 45 -9.84 -15.98 -12.79
CA GLY B 45 -10.60 -15.02 -13.57
C GLY B 45 -11.88 -14.37 -13.03
N GLY B 46 -11.90 -13.04 -13.11
CA GLY B 46 -13.05 -12.26 -12.69
C GLY B 46 -13.54 -12.35 -11.27
N ARG B 47 -12.90 -13.17 -10.43
CA ARG B 47 -13.36 -13.30 -9.06
C ARG B 47 -12.84 -12.24 -8.10
N PHE B 48 -13.76 -11.72 -7.29
CA PHE B 48 -13.47 -10.73 -6.26
C PHE B 48 -14.59 -10.92 -5.26
N GLU B 49 -14.29 -11.60 -4.17
CA GLU B 49 -15.28 -11.89 -3.14
C GLU B 49 -14.66 -11.77 -1.76
N ILE B 50 -15.41 -11.20 -0.82
CA ILE B 50 -14.92 -11.02 0.53
C ILE B 50 -15.80 -11.72 1.56
N PHE B 51 -15.16 -12.36 2.53
CA PHE B 51 -15.87 -13.08 3.58
C PHE B 51 -15.44 -12.62 4.97
N CYS B 52 -16.39 -12.61 5.90
CA CYS B 52 -16.12 -12.22 7.27
C CYS B 52 -16.74 -13.29 8.17
N ASN B 53 -15.89 -13.97 8.94
CA ASN B 53 -16.36 -15.03 9.81
C ASN B 53 -17.25 -16.02 9.06
N GLY B 54 -16.86 -16.33 7.83
CA GLY B 54 -17.62 -17.27 7.04
C GLY B 54 -18.78 -16.69 6.26
N VAL B 55 -19.15 -15.45 6.57
CA VAL B 55 -20.27 -14.79 5.89
C VAL B 55 -19.79 -13.92 4.73
N GLN B 56 -20.34 -14.16 3.55
CA GLN B 56 -19.99 -13.39 2.36
C GLN B 56 -20.54 -11.98 2.52
N ILE B 57 -19.66 -10.99 2.51
CA ILE B 57 -20.11 -9.60 2.65
C ILE B 57 -19.88 -8.81 1.36
N TRP B 58 -19.42 -9.50 0.33
CA TRP B 58 -19.20 -8.87 -0.97
C TRP B 58 -18.90 -9.84 -2.09
N GLU B 59 -19.54 -9.59 -3.22
CA GLU B 59 -19.39 -10.40 -4.43
C GLU B 59 -19.49 -9.43 -5.62
N ARG B 60 -18.40 -9.33 -6.38
CA ARG B 60 -18.33 -8.43 -7.52
C ARG B 60 -19.53 -8.43 -8.45
N LYS B 61 -19.89 -9.58 -9.00
CA LYS B 61 -21.02 -9.64 -9.92
C LYS B 61 -22.31 -9.20 -9.23
N GLN B 62 -22.55 -9.79 -8.06
CA GLN B 62 -23.72 -9.50 -7.26
C GLN B 62 -23.87 -8.00 -7.03
N GLU B 63 -22.79 -7.36 -6.59
CA GLU B 63 -22.77 -5.92 -6.32
C GLU B 63 -22.53 -5.09 -7.58
N GLY B 64 -22.06 -5.73 -8.63
CA GLY B 64 -21.79 -5.00 -9.87
C GLY B 64 -20.64 -4.04 -9.74
N GLY B 65 -19.59 -4.45 -9.04
CA GLY B 65 -18.45 -3.57 -8.86
C GLY B 65 -17.64 -3.85 -7.60
N PHE B 66 -16.90 -2.83 -7.16
CA PHE B 66 -16.08 -2.94 -5.97
C PHE B 66 -16.57 -2.01 -4.86
N PRO B 67 -16.44 -2.46 -3.61
CA PRO B 67 -16.87 -1.73 -2.42
C PRO B 67 -16.08 -0.49 -2.04
N GLU B 68 -16.78 0.44 -1.44
CA GLU B 68 -16.14 1.66 -0.97
C GLU B 68 -15.64 1.31 0.39
N ALA B 69 -14.64 2.04 0.84
CA ALA B 69 -14.05 1.76 2.13
C ALA B 69 -15.11 1.80 3.24
N LYS B 70 -16.00 2.79 3.17
CA LYS B 70 -17.05 2.94 4.18
C LYS B 70 -18.03 1.79 4.21
N VAL B 71 -18.51 1.37 3.05
CA VAL B 71 -19.48 0.28 2.97
C VAL B 71 -18.91 -1.03 3.52
N LEU B 72 -17.66 -1.33 3.17
CA LEU B 72 -17.05 -2.57 3.64
C LEU B 72 -16.85 -2.55 5.15
N LYS B 73 -16.42 -1.41 5.69
CA LYS B 73 -16.22 -1.28 7.12
C LYS B 73 -17.52 -1.53 7.83
N GLN B 74 -18.58 -0.95 7.29
CA GLN B 74 -19.87 -1.11 7.90
C GLN B 74 -20.38 -2.54 7.90
N ARG B 75 -20.22 -3.24 6.78
CA ARG B 75 -20.69 -4.63 6.69
C ARG B 75 -19.90 -5.53 7.64
N VAL B 76 -18.64 -5.18 7.87
CA VAL B 76 -17.81 -5.95 8.78
C VAL B 76 -18.23 -5.64 10.21
N ARG B 77 -18.48 -4.37 10.48
CA ARG B 77 -18.89 -3.92 11.79
C ARG B 77 -20.17 -4.61 12.26
N ASP B 78 -21.14 -4.76 11.34
CA ASP B 78 -22.40 -5.41 11.69
C ASP B 78 -22.25 -6.89 12.01
N LEU B 79 -21.12 -7.47 11.65
CA LEU B 79 -20.88 -8.89 11.93
C LEU B 79 -19.99 -9.07 13.15
N ILE B 80 -19.38 -7.97 13.62
CA ILE B 80 -18.51 -7.96 14.80
C ILE B 80 -19.29 -7.51 16.04
N ASP B 81 -20.60 -7.35 15.90
CA ASP B 81 -21.48 -6.94 16.99
C ASP B 81 -22.89 -6.69 16.50
N ASN C 2 4.58 16.22 -21.95
CA ASN C 2 4.59 14.80 -22.39
C ASN C 2 4.19 13.91 -21.22
N LYS C 3 5.08 13.77 -20.25
CA LYS C 3 4.80 12.95 -19.07
C LYS C 3 3.93 13.71 -18.08
N ALA C 4 2.85 13.07 -17.67
CA ALA C 4 1.86 13.61 -16.75
C ALA C 4 2.34 13.89 -15.33
N GLN C 5 1.80 14.96 -14.75
CA GLN C 5 2.12 15.35 -13.38
C GLN C 5 0.81 15.27 -12.63
N ILE C 6 0.74 14.35 -11.68
CA ILE C 6 -0.46 14.14 -10.90
C ILE C 6 -0.29 14.51 -9.42
N GLU C 7 -1.27 15.26 -8.90
CA GLU C 7 -1.24 15.70 -7.51
C GLU C 7 -2.50 15.19 -6.79
N ILE C 8 -2.31 14.62 -5.60
CA ILE C 8 -3.42 14.12 -4.82
C ILE C 8 -3.44 14.78 -3.45
N TYR C 9 -4.46 15.60 -3.19
CA TYR C 9 -4.58 16.27 -1.89
C TYR C 9 -5.62 15.54 -1.04
N TYR C 10 -5.21 15.11 0.15
CA TYR C 10 -6.11 14.41 1.04
C TYR C 10 -6.06 14.95 2.46
N CYS C 11 -7.21 14.98 3.10
CA CYS C 11 -7.29 15.48 4.47
C CYS C 11 -6.39 14.65 5.38
N ARG C 12 -5.38 15.31 5.93
CA ARG C 12 -4.39 14.71 6.81
C ARG C 12 -4.90 13.89 8.01
N GLN C 13 -5.98 14.35 8.63
CA GLN C 13 -6.53 13.68 9.81
C GLN C 13 -7.79 12.85 9.57
N CYS C 14 -8.24 12.76 8.33
CA CYS C 14 -9.45 11.98 8.03
C CYS C 14 -9.12 10.53 7.76
N ASN C 15 -7.86 10.15 7.92
CA ASN C 15 -7.42 8.79 7.66
C ASN C 15 -7.70 8.46 6.19
N TRP C 16 -7.25 9.34 5.30
CA TRP C 16 -7.45 9.13 3.87
C TRP C 16 -6.14 8.88 3.13
N LEU C 18 -4.27 6.18 3.25
CA LEU C 18 -4.35 4.82 2.75
C LEU C 18 -4.94 4.77 1.34
N ARG C 19 -6.16 5.28 1.18
CA ARG C 19 -6.83 5.27 -0.12
C ARG C 19 -6.11 6.15 -1.14
N SER C 20 -5.38 7.15 -0.67
CA SER C 20 -4.65 8.05 -1.55
C SER C 20 -3.42 7.31 -2.10
N ALA C 21 -2.73 6.61 -1.23
CA ALA C 21 -1.54 5.86 -1.60
C ALA C 21 -1.92 4.75 -2.58
N TRP C 22 -3.11 4.18 -2.37
CA TRP C 22 -3.61 3.13 -3.24
C TRP C 22 -3.84 3.68 -4.64
N LEU C 23 -4.66 4.72 -4.73
CA LEU C 23 -4.97 5.34 -6.00
C LEU C 23 -3.68 5.76 -6.71
N SER C 24 -2.71 6.22 -5.94
CA SER C 24 -1.43 6.65 -6.49
C SER C 24 -0.75 5.48 -7.19
N GLN C 25 -0.75 4.32 -6.54
CA GLN C 25 -0.13 3.13 -7.09
C GLN C 25 -0.90 2.60 -8.30
N GLU C 26 -2.22 2.76 -8.29
CA GLU C 26 -3.02 2.31 -9.43
C GLU C 26 -2.58 3.05 -10.68
N LEU C 27 -2.37 4.36 -10.52
CA LEU C 27 -1.95 5.21 -11.62
C LEU C 27 -0.51 4.93 -12.06
N LEU C 28 0.39 4.82 -11.07
CA LEU C 28 1.79 4.55 -11.36
C LEU C 28 1.95 3.20 -12.06
N HIS C 29 1.08 2.26 -11.71
CA HIS C 29 1.12 0.91 -12.28
C HIS C 29 0.59 0.89 -13.71
N THR C 30 -0.52 1.57 -13.94
CA THR C 30 -1.15 1.62 -15.26
C THR C 30 -0.46 2.53 -16.26
N PHE C 31 0.05 3.66 -15.80
CA PHE C 31 0.73 4.62 -16.67
C PHE C 31 2.19 4.79 -16.28
N SER C 32 2.87 3.68 -15.98
CA SER C 32 4.26 3.71 -15.56
C SER C 32 5.20 4.43 -16.53
N GLU C 33 4.80 4.52 -17.80
CA GLU C 33 5.65 5.17 -18.81
C GLU C 33 5.19 6.54 -19.27
N GLU C 34 3.96 6.93 -18.91
CA GLU C 34 3.46 8.24 -19.32
C GLU C 34 3.40 9.22 -18.16
N ILE C 35 3.81 8.77 -16.97
CA ILE C 35 3.77 9.61 -15.78
C ILE C 35 5.14 10.11 -15.33
N GLU C 36 5.23 11.42 -15.09
CA GLU C 36 6.46 12.03 -14.62
C GLU C 36 6.52 11.72 -13.13
N TYR C 37 5.40 11.92 -12.45
CA TYR C 37 5.30 11.66 -11.03
C TYR C 37 3.88 11.79 -10.51
N VAL C 38 3.63 11.14 -9.37
CA VAL C 38 2.35 11.21 -8.69
C VAL C 38 2.76 11.72 -7.32
N ALA C 39 2.18 12.84 -6.90
CA ALA C 39 2.53 13.41 -5.61
C ALA C 39 1.37 13.41 -4.64
N LEU C 40 1.65 13.01 -3.41
CA LEU C 40 0.65 12.97 -2.36
C LEU C 40 0.83 14.17 -1.44
N HIS C 41 -0.23 14.96 -1.28
CA HIS C 41 -0.18 16.15 -0.43
C HIS C 41 -1.05 16.04 0.82
N PRO C 42 -0.44 15.86 1.99
CA PRO C 42 -1.30 15.78 3.17
C PRO C 42 -1.94 17.16 3.31
N ASP C 43 -3.27 17.19 3.44
CA ASP C 43 -3.97 18.47 3.53
C ASP C 43 -4.85 18.65 4.76
N THR C 44 -5.71 19.68 4.71
CA THR C 44 -6.62 19.99 5.81
C THR C 44 -8.01 19.38 5.67
N GLY C 45 -8.78 19.52 6.75
CA GLY C 45 -10.13 18.99 6.84
C GLY C 45 -11.00 18.78 5.62
N GLY C 46 -11.54 17.57 5.52
CA GLY C 46 -12.44 17.21 4.43
C GLY C 46 -11.98 17.30 2.99
N ARG C 47 -10.74 17.75 2.77
CA ARG C 47 -10.27 17.86 1.40
C ARG C 47 -9.72 16.58 0.79
N PHE C 48 -10.14 16.33 -0.45
CA PHE C 48 -9.69 15.19 -1.23
C PHE C 48 -9.89 15.64 -2.67
N GLU C 49 -8.81 16.04 -3.31
CA GLU C 49 -8.87 16.55 -4.67
C GLU C 49 -7.69 16.04 -5.47
N ILE C 50 -7.92 15.69 -6.73
CA ILE C 50 -6.86 15.19 -7.59
C ILE C 50 -6.69 16.03 -8.84
N PHE C 51 -5.44 16.29 -9.19
CA PHE C 51 -5.11 17.09 -10.37
C PHE C 51 -4.19 16.34 -11.32
N CYS C 52 -4.37 16.56 -12.62
CA CYS C 52 -3.54 15.95 -13.64
C CYS C 52 -3.12 17.05 -14.61
N ASN C 53 -1.82 17.31 -14.68
CA ASN C 53 -1.29 18.35 -15.55
C ASN C 53 -2.03 19.67 -15.31
N GLY C 54 -2.30 19.98 -14.05
CA GLY C 54 -2.98 21.21 -13.72
C GLY C 54 -4.49 21.17 -13.80
N VAL C 55 -5.04 20.12 -14.40
CA VAL C 55 -6.49 19.98 -14.54
C VAL C 55 -7.10 19.14 -13.43
N GLN C 56 -8.09 19.70 -12.75
CA GLN C 56 -8.77 18.99 -11.66
C GLN C 56 -9.59 17.86 -12.26
N ILE C 57 -9.29 16.63 -11.88
CA ILE C 57 -10.04 15.49 -12.40
C ILE C 57 -10.87 14.83 -11.31
N TRP C 58 -10.86 15.42 -10.11
CA TRP C 58 -11.64 14.89 -9.00
C TRP C 58 -11.72 15.81 -7.80
N GLU C 59 -12.95 15.93 -7.29
CA GLU C 59 -13.24 16.76 -6.13
C GLU C 59 -14.29 16.05 -5.32
N ARG C 60 -13.93 15.66 -4.10
CA ARG C 60 -14.84 14.92 -3.23
C ARG C 60 -16.25 15.46 -3.13
N LYS C 61 -16.42 16.71 -2.74
CA LYS C 61 -17.75 17.28 -2.61
C LYS C 61 -18.49 17.25 -3.93
N GLN C 62 -17.81 17.75 -4.96
CA GLN C 62 -18.35 17.82 -6.31
C GLN C 62 -18.88 16.45 -6.75
N GLU C 63 -18.04 15.42 -6.57
CA GLU C 63 -18.40 14.05 -6.96
C GLU C 63 -19.21 13.34 -5.89
N GLY C 64 -19.22 13.88 -4.68
CA GLY C 64 -19.97 13.26 -3.60
C GLY C 64 -19.39 11.93 -3.19
N GLY C 65 -18.05 11.85 -3.12
CA GLY C 65 -17.42 10.61 -2.73
C GLY C 65 -16.02 10.42 -3.27
N PHE C 66 -15.59 9.17 -3.34
CA PHE C 66 -14.26 8.84 -3.84
C PHE C 66 -14.33 8.05 -5.14
N PRO C 67 -13.36 8.27 -6.03
CA PRO C 67 -13.28 7.61 -7.34
C PRO C 67 -12.91 6.13 -7.36
N GLU C 68 -13.45 5.44 -8.35
CA GLU C 68 -13.14 4.05 -8.53
C GLU C 68 -11.87 4.05 -9.31
N ALA C 69 -11.12 2.97 -9.17
CA ALA C 69 -9.86 2.87 -9.88
C ALA C 69 -10.06 3.07 -11.39
N LYS C 70 -11.10 2.48 -11.94
CA LYS C 70 -11.38 2.59 -13.37
C LYS C 70 -11.69 4.02 -13.82
N VAL C 71 -12.57 4.70 -13.12
CA VAL C 71 -12.94 6.07 -13.46
C VAL C 71 -11.74 7.01 -13.44
N LEU C 72 -10.90 6.89 -12.41
CA LEU C 72 -9.74 7.74 -12.30
C LEU C 72 -8.74 7.50 -13.43
N LYS C 73 -8.53 6.23 -13.77
CA LYS C 73 -7.62 5.87 -14.85
C LYS C 73 -8.09 6.50 -16.13
N GLN C 74 -9.38 6.39 -16.35
CA GLN C 74 -9.94 6.93 -17.56
C GLN C 74 -9.83 8.45 -17.68
N ARG C 75 -10.08 9.16 -16.59
CA ARG C 75 -9.98 10.62 -16.61
C ARG C 75 -8.54 11.06 -16.84
N VAL C 76 -7.60 10.25 -16.37
CA VAL C 76 -6.18 10.55 -16.55
C VAL C 76 -5.80 10.26 -17.99
N ARG C 77 -6.30 9.14 -18.50
CA ARG C 77 -6.01 8.72 -19.87
C ARG C 77 -6.48 9.76 -20.89
N ASP C 78 -7.65 10.36 -20.65
CA ASP C 78 -8.18 11.37 -21.57
C ASP C 78 -7.36 12.65 -21.60
N LEU C 79 -6.52 12.85 -20.59
CA LEU C 79 -5.69 14.04 -20.52
C LEU C 79 -4.28 13.78 -21.04
N ILE C 80 -3.95 12.50 -21.22
CA ILE C 80 -2.65 12.14 -21.76
C ILE C 80 -2.86 11.98 -23.26
N ASP C 81 -3.84 11.15 -23.62
CA ASP C 81 -4.16 10.89 -25.00
C ASP C 81 -5.26 11.84 -25.49
N LYS D 3 7.63 23.60 4.73
CA LYS D 3 7.27 22.16 4.53
C LYS D 3 8.34 21.44 3.71
N ALA D 4 8.46 20.14 3.91
CA ALA D 4 9.43 19.34 3.17
C ALA D 4 8.87 18.82 1.84
N GLN D 5 9.74 18.76 0.84
CA GLN D 5 9.38 18.26 -0.49
C GLN D 5 10.25 17.04 -0.72
N ILE D 6 9.62 15.87 -0.78
CA ILE D 6 10.34 14.62 -0.95
C ILE D 6 10.08 13.96 -2.31
N GLU D 7 11.15 13.55 -2.97
CA GLU D 7 11.07 12.91 -4.28
C GLU D 7 11.68 11.51 -4.22
N ILE D 8 10.97 10.53 -4.75
CA ILE D 8 11.47 9.15 -4.76
C ILE D 8 11.52 8.63 -6.19
N TYR D 9 12.73 8.41 -6.70
CA TYR D 9 12.91 7.90 -8.06
C TYR D 9 13.21 6.41 -8.00
N TYR D 10 12.42 5.60 -8.71
CA TYR D 10 12.61 4.17 -8.71
C TYR D 10 12.56 3.59 -10.12
N CYS D 11 13.37 2.57 -10.38
CA CYS D 11 13.39 1.92 -11.68
C CYS D 11 12.03 1.33 -11.99
N ARG D 12 11.39 1.87 -13.03
CA ARG D 12 10.07 1.48 -13.48
C ARG D 12 9.81 -0.01 -13.73
N GLN D 13 10.80 -0.71 -14.27
CA GLN D 13 10.65 -2.13 -14.59
C GLN D 13 11.31 -3.10 -13.62
N CYS D 14 11.91 -2.58 -12.55
CA CYS D 14 12.57 -3.44 -11.56
C CYS D 14 11.60 -3.89 -10.48
N ASN D 15 10.31 -3.58 -10.65
CA ASN D 15 9.30 -3.93 -9.67
C ASN D 15 9.69 -3.32 -8.33
N TRP D 16 9.93 -2.02 -8.32
CA TRP D 16 10.31 -1.31 -7.09
C TRP D 16 9.26 -0.30 -6.65
N LEU D 18 6.33 -0.91 -5.40
CA LEU D 18 5.80 -1.39 -4.13
C LEU D 18 6.56 -0.82 -2.93
N ARG D 19 7.87 -1.08 -2.88
CA ARG D 19 8.69 -0.59 -1.79
C ARG D 19 8.76 0.93 -1.75
N SER D 20 8.59 1.56 -2.90
CA SER D 20 8.63 3.02 -2.99
C SER D 20 7.37 3.59 -2.36
N ALA D 21 6.22 3.00 -2.70
CA ALA D 21 4.95 3.45 -2.19
C ALA D 21 4.91 3.25 -0.67
N TRP D 22 5.52 2.17 -0.22
CA TRP D 22 5.56 1.89 1.21
C TRP D 22 6.36 2.97 1.94
N LEU D 23 7.60 3.18 1.49
CA LEU D 23 8.45 4.21 2.08
C LEU D 23 7.75 5.56 2.05
N SER D 24 7.02 5.82 0.98
CA SER D 24 6.29 7.07 0.83
C SER D 24 5.29 7.24 1.96
N GLN D 25 4.55 6.17 2.25
CA GLN D 25 3.54 6.20 3.30
C GLN D 25 4.17 6.27 4.68
N GLU D 26 5.34 5.66 4.85
CA GLU D 26 6.03 5.71 6.13
C GLU D 26 6.34 7.17 6.47
N LEU D 27 6.78 7.91 5.47
CA LEU D 27 7.12 9.32 5.64
C LEU D 27 5.88 10.19 5.81
N LEU D 28 4.86 9.95 5.00
CA LEU D 28 3.62 10.72 5.07
C LEU D 28 2.93 10.50 6.41
N HIS D 29 3.09 9.30 6.98
CA HIS D 29 2.47 8.96 8.25
C HIS D 29 3.22 9.59 9.42
N THR D 30 4.55 9.53 9.38
CA THR D 30 5.38 10.07 10.46
C THR D 30 5.49 11.59 10.46
N PHE D 31 5.55 12.19 9.27
CA PHE D 31 5.67 13.65 9.16
C PHE D 31 4.47 14.26 8.45
N SER D 32 3.28 13.78 8.79
CA SER D 32 2.05 14.24 8.17
C SER D 32 1.85 15.75 8.23
N GLU D 33 2.51 16.42 9.18
CA GLU D 33 2.36 17.86 9.32
C GLU D 33 3.56 18.69 8.86
N GLU D 34 4.69 18.05 8.60
CA GLU D 34 5.87 18.79 8.16
C GLU D 34 6.17 18.56 6.68
N ILE D 35 5.35 17.74 6.02
CA ILE D 35 5.55 17.44 4.62
C ILE D 35 4.57 18.14 3.69
N GLU D 36 5.12 18.75 2.63
CA GLU D 36 4.30 19.43 1.63
C GLU D 36 3.76 18.32 0.73
N TYR D 37 4.66 17.42 0.33
CA TYR D 37 4.30 16.32 -0.53
C TYR D 37 5.43 15.31 -0.69
N VAL D 38 5.06 14.08 -1.04
CA VAL D 38 6.01 13.02 -1.32
C VAL D 38 5.64 12.64 -2.74
N ALA D 39 6.62 12.69 -3.65
CA ALA D 39 6.36 12.37 -5.04
C ALA D 39 7.10 11.12 -5.50
N LEU D 40 6.39 10.25 -6.19
CA LEU D 40 6.96 9.02 -6.71
C LEU D 40 7.22 9.20 -8.20
N HIS D 41 8.48 9.02 -8.60
CA HIS D 41 8.87 9.17 -9.99
C HIS D 41 9.28 7.85 -10.65
N PRO D 42 8.42 7.30 -11.52
CA PRO D 42 8.84 6.04 -12.15
C PRO D 42 10.07 6.39 -13.00
N ASP D 43 11.15 5.61 -12.86
CA ASP D 43 12.37 5.91 -13.60
C ASP D 43 12.93 4.77 -14.43
N THR D 44 14.18 4.94 -14.89
CA THR D 44 14.86 3.94 -15.70
C THR D 44 15.74 2.97 -14.92
N GLY D 45 16.19 1.94 -15.63
CA GLY D 45 17.02 0.88 -15.07
C GLY D 45 17.90 1.11 -13.84
N GLY D 46 17.76 0.20 -12.88
CA GLY D 46 18.54 0.23 -11.66
C GLY D 46 18.51 1.46 -10.77
N ARG D 47 17.76 2.49 -11.14
CA ARG D 47 17.73 3.68 -10.32
C ARG D 47 16.75 3.64 -9.16
N PHE D 48 17.23 4.09 -8.01
CA PHE D 48 16.45 4.21 -6.78
C PHE D 48 17.17 5.27 -5.98
N GLU D 49 16.61 6.48 -6.00
CA GLU D 49 17.23 7.60 -5.32
C GLU D 49 16.15 8.45 -4.66
N ILE D 50 16.43 8.93 -3.45
CA ILE D 50 15.47 9.75 -2.71
C ILE D 50 16.05 11.12 -2.38
N PHE D 51 15.22 12.15 -2.55
CA PHE D 51 15.62 13.52 -2.28
C PHE D 51 14.67 14.19 -1.29
N CYS D 52 15.22 15.06 -0.46
CA CYS D 52 14.43 15.80 0.53
C CYS D 52 14.87 17.26 0.44
N ASN D 53 13.94 18.13 0.06
CA ASN D 53 14.23 19.54 -0.10
C ASN D 53 15.47 19.74 -0.97
N GLY D 54 15.58 18.97 -2.04
CA GLY D 54 16.71 19.10 -2.94
C GLY D 54 17.97 18.35 -2.52
N VAL D 55 18.00 17.85 -1.29
CA VAL D 55 19.15 17.12 -0.78
C VAL D 55 18.99 15.62 -0.94
N GLN D 56 19.94 14.98 -1.62
CA GLN D 56 19.89 13.53 -1.80
C GLN D 56 20.13 12.85 -0.45
N ILE D 57 19.14 12.08 0.00
CA ILE D 57 19.29 11.39 1.28
C ILE D 57 19.42 9.88 1.08
N TRP D 58 19.44 9.44 -0.18
CA TRP D 58 19.60 8.03 -0.48
C TRP D 58 19.88 7.73 -1.94
N GLU D 59 20.84 6.84 -2.15
CA GLU D 59 21.25 6.43 -3.49
C GLU D 59 21.58 4.93 -3.38
N ARG D 60 20.81 4.11 -4.08
CA ARG D 60 20.98 2.66 -4.04
C ARG D 60 22.43 2.15 -4.18
N LYS D 61 23.12 2.54 -5.26
CA LYS D 61 24.49 2.08 -5.41
C LYS D 61 25.38 2.54 -4.27
N GLN D 62 25.30 3.82 -3.99
CA GLN D 62 26.07 4.45 -2.93
C GLN D 62 25.93 3.72 -1.62
N GLU D 63 24.68 3.44 -1.26
CA GLU D 63 24.32 2.75 -0.03
C GLU D 63 24.40 1.23 -0.19
N GLY D 64 24.44 0.77 -1.45
CA GLY D 64 24.50 -0.68 -1.71
C GLY D 64 23.23 -1.40 -1.24
N GLY D 65 22.06 -0.77 -1.48
CA GLY D 65 20.82 -1.40 -1.12
C GLY D 65 19.68 -0.44 -0.88
N PHE D 66 18.67 -0.87 -0.11
CA PHE D 66 17.52 -0.03 0.16
C PHE D 66 17.45 0.31 1.64
N PRO D 67 16.93 1.52 1.95
CA PRO D 67 16.80 2.03 3.32
C PRO D 67 15.75 1.42 4.21
N GLU D 68 16.07 1.39 5.49
CA GLU D 68 15.15 0.87 6.49
C GLU D 68 14.26 2.05 6.78
N ALA D 69 13.04 1.77 7.21
CA ALA D 69 12.12 2.84 7.51
C ALA D 69 12.72 3.81 8.52
N LYS D 70 13.36 3.28 9.56
CA LYS D 70 13.96 4.09 10.60
C LYS D 70 15.05 5.02 10.09
N VAL D 71 15.98 4.49 9.30
CA VAL D 71 17.07 5.28 8.76
C VAL D 71 16.57 6.43 7.88
N LEU D 72 15.62 6.12 7.00
CA LEU D 72 15.07 7.13 6.11
C LEU D 72 14.33 8.21 6.88
N LYS D 73 13.59 7.81 7.91
CA LYS D 73 12.83 8.77 8.73
C LYS D 73 13.81 9.75 9.35
N GLN D 74 14.89 9.18 9.85
CA GLN D 74 15.92 9.92 10.52
C GLN D 74 16.57 10.97 9.61
N ARG D 75 17.02 10.54 8.43
CA ARG D 75 17.66 11.42 7.47
C ARG D 75 16.74 12.55 7.03
N VAL D 76 15.44 12.29 7.02
CA VAL D 76 14.46 13.30 6.65
C VAL D 76 14.29 14.28 7.81
N ARG D 77 14.25 13.73 9.02
CA ARG D 77 14.08 14.51 10.23
C ARG D 77 15.23 15.52 10.42
N ASP D 78 16.45 15.10 10.11
CA ASP D 78 17.61 15.99 10.25
C ASP D 78 17.60 17.15 9.26
N LEU D 79 16.78 17.06 8.21
CA LEU D 79 16.71 18.11 7.21
C LEU D 79 15.45 18.95 7.34
N ILE D 80 14.50 18.46 8.14
CA ILE D 80 13.21 19.11 8.33
C ILE D 80 13.18 20.30 9.28
N ASP D 81 12.22 21.17 9.07
CA ASP D 81 12.00 22.31 9.93
C ASP D 81 11.44 21.63 11.18
N PRO D 82 12.27 21.50 12.22
CA PRO D 82 11.83 20.84 13.46
C PRO D 82 10.73 21.61 14.19
#